data_6XCE
#
_entry.id   6XCE
#
_cell.length_a   50.062
_cell.length_b   66.502
_cell.length_c   65.107
_cell.angle_alpha   90.000
_cell.angle_beta   98.418
_cell.angle_gamma   90.000
#
_symmetry.space_group_name_H-M   'P 1 21 1'
#
loop_
_entity.id
_entity.type
_entity.pdbx_description
1 polymer 'Botulinum neurotoxin type A'
2 non-polymer (3S)-3-(2,4-dichlorophenyl)-N~1~-hydroxy-N~5~-(3-sulfanylpropyl)pentanediamide
3 water water
#
_entity_poly.entity_id   1
_entity_poly.type   'polypeptide(L)'
_entity_poly.pdbx_seq_one_letter_code
;HHHHHHSSGLVPRGSHMQFVNKQFNYKDPVNGVDIAYIKIPNVGQMQPVKAFKIHNKIWVIPERDTFTNPEEGDLNPPPE
AKQVPVSYYDSTYLSTDNEKDNYLKGVTKLFERIYSTDLGRMLLTSIVRGIPFWGGSTIDTELKVIDTNCINVIQPDGSY
RSEELNLVIIGPSADIIQFECKSFGHEVLNLTRNGYGSTQYIRFSPDFTFGFEESLEVDTNPLLGAGKFATDPAVTLAHE
LIHAGHRLYGIAINPNRVFKVNTNAYYEMSGLEVSFEELRTFGGHDAKFIDSLQENEFRLYYYNKFKDIASTLNKAKSIV
GTTASLQYMKNVFKEKYLLSEDTSGKFSVDKLKFDKLYKMLTEIYTEDNFVKFFKVLNRKTYLNFDKAVFKINIVPKVNY
TIYDGFNLRNTNLAANFNGQNTEINNMNFTKLKNFTGLFE
;
_entity_poly.pdbx_strand_id   A
#
loop_
_chem_comp.id
_chem_comp.type
_chem_comp.name
_chem_comp.formula
UZM non-polymer (3S)-3-(2,4-dichlorophenyl)-N~1~-hydroxy-N~5~-(3-sulfanylpropyl)pentanediamide 'C14 H18 Cl2 N2 O3 S'
#
# COMPACT_ATOMS: atom_id res chain seq x y z
N MET A 17 16.65 14.41 -2.99
CA MET A 17 16.89 13.28 -3.89
C MET A 17 15.60 12.79 -4.53
N GLN A 18 15.74 12.00 -5.60
CA GLN A 18 14.63 11.34 -6.25
C GLN A 18 14.42 9.97 -5.60
N PHE A 19 13.17 9.53 -5.57
CA PHE A 19 12.94 8.13 -5.21
C PHE A 19 13.16 7.22 -6.42
N VAL A 20 12.71 7.66 -7.59
CA VAL A 20 12.87 6.91 -8.84
C VAL A 20 13.93 7.63 -9.65
N ASN A 21 15.11 7.01 -9.78
CA ASN A 21 16.19 7.65 -10.51
C ASN A 21 15.96 7.59 -12.01
N LYS A 22 15.56 6.42 -12.53
CA LYS A 22 15.31 6.25 -13.95
C LYS A 22 13.89 6.67 -14.29
N GLN A 23 13.76 7.58 -15.25
CA GLN A 23 12.46 7.91 -15.82
C GLN A 23 12.13 6.86 -16.87
N PHE A 24 11.19 5.97 -16.54
CA PHE A 24 10.91 4.81 -17.37
C PHE A 24 9.85 5.12 -18.41
N ASN A 25 10.12 4.69 -19.65
CA ASN A 25 9.10 4.58 -20.67
C ASN A 25 8.64 3.13 -20.73
N TYR A 26 7.35 2.91 -20.98
CA TYR A 26 6.86 1.54 -20.99
C TYR A 26 7.47 0.74 -22.14
N LYS A 27 7.79 1.38 -23.25
CA LYS A 27 8.37 0.72 -24.40
C LYS A 27 9.90 0.74 -24.37
N ASP A 28 10.50 0.92 -23.20
CA ASP A 28 11.94 0.82 -23.07
C ASP A 28 12.37 -0.64 -23.23
N PRO A 29 13.52 -0.90 -23.84
CA PRO A 29 13.95 -2.29 -24.05
C PRO A 29 14.17 -3.02 -22.73
N VAL A 30 14.00 -4.34 -22.78
CA VAL A 30 14.16 -5.18 -21.59
C VAL A 30 15.64 -5.44 -21.36
N ASN A 31 16.08 -5.31 -20.11
CA ASN A 31 17.47 -5.53 -19.75
C ASN A 31 17.68 -6.67 -18.76
N GLY A 32 16.64 -7.14 -18.09
CA GLY A 32 16.77 -8.22 -17.14
C GLY A 32 17.19 -7.81 -15.74
N VAL A 33 17.41 -6.52 -15.50
CA VAL A 33 17.79 -6.04 -14.18
C VAL A 33 16.61 -5.34 -13.53
N ASP A 34 16.23 -4.18 -14.08
CA ASP A 34 15.10 -3.40 -13.58
C ASP A 34 14.01 -3.19 -14.62
N ILE A 35 14.18 -3.71 -15.83
CA ILE A 35 13.14 -3.70 -16.86
C ILE A 35 13.11 -5.10 -17.44
N ALA A 36 12.12 -5.90 -17.06
CA ALA A 36 12.09 -7.28 -17.53
C ALA A 36 10.70 -7.85 -17.38
N TYR A 37 10.44 -8.91 -18.15
CA TYR A 37 9.28 -9.76 -17.93
C TYR A 37 9.53 -10.64 -16.72
N ILE A 38 8.51 -10.78 -15.87
CA ILE A 38 8.65 -11.50 -14.61
C ILE A 38 7.44 -12.39 -14.39
N LYS A 39 7.60 -13.34 -13.47
CA LYS A 39 6.54 -14.24 -13.05
C LYS A 39 6.32 -14.09 -11.55
N ILE A 40 5.06 -14.03 -11.15
CA ILE A 40 4.72 -14.00 -9.72
C ILE A 40 4.72 -15.44 -9.20
N PRO A 41 5.35 -15.70 -8.05
CA PRO A 41 5.61 -17.10 -7.65
C PRO A 41 4.38 -17.99 -7.55
N ASN A 42 3.53 -17.72 -6.55
CA ASN A 42 2.40 -18.59 -6.26
C ASN A 42 1.13 -18.18 -7.00
N VAL A 43 1.27 -17.65 -8.22
CA VAL A 43 0.13 -17.27 -9.05
C VAL A 43 -0.11 -18.43 -10.02
N GLY A 44 -0.26 -19.63 -9.46
CA GLY A 44 -0.47 -20.83 -10.25
C GLY A 44 0.39 -20.90 -11.50
N GLN A 45 -0.15 -20.44 -12.62
CA GLN A 45 0.58 -20.36 -13.87
C GLN A 45 0.19 -19.08 -14.60
N MET A 46 1.18 -18.41 -15.18
CA MET A 46 0.94 -17.13 -15.82
C MET A 46 1.98 -16.90 -16.91
N GLN A 47 1.61 -16.07 -17.88
CA GLN A 47 2.56 -15.61 -18.89
C GLN A 47 3.26 -14.35 -18.42
N PRO A 48 4.50 -14.14 -18.83
CA PRO A 48 5.32 -13.08 -18.21
C PRO A 48 4.79 -11.68 -18.48
N VAL A 49 4.90 -10.82 -17.46
CA VAL A 49 4.47 -9.44 -17.53
C VAL A 49 5.69 -8.54 -17.48
N LYS A 50 5.64 -7.43 -18.22
CA LYS A 50 6.74 -6.49 -18.18
C LYS A 50 6.67 -5.66 -16.91
N ALA A 51 7.73 -5.74 -16.10
CA ALA A 51 7.79 -5.06 -14.82
C ALA A 51 8.96 -4.07 -14.80
N PHE A 52 8.87 -3.10 -13.90
CA PHE A 52 9.86 -2.03 -13.79
C PHE A 52 10.26 -1.88 -12.32
N LYS A 53 11.54 -2.07 -12.04
CA LYS A 53 12.08 -1.91 -10.69
C LYS A 53 12.42 -0.44 -10.49
N ILE A 54 11.49 0.32 -9.90
CA ILE A 54 11.68 1.76 -9.73
C ILE A 54 12.52 2.12 -8.53
N HIS A 55 12.77 1.17 -7.63
CA HIS A 55 13.58 1.41 -6.45
C HIS A 55 14.03 0.04 -5.93
N ASN A 56 15.01 0.06 -5.04
CA ASN A 56 15.44 -1.16 -4.37
C ASN A 56 14.27 -1.78 -3.61
N LYS A 57 13.92 -3.01 -3.99
CA LYS A 57 12.83 -3.81 -3.41
C LYS A 57 11.44 -3.33 -3.81
N ILE A 58 11.33 -2.44 -4.79
CA ILE A 58 10.04 -1.88 -5.18
C ILE A 58 9.90 -1.98 -6.69
N TRP A 59 8.97 -2.81 -7.16
CA TRP A 59 8.69 -2.97 -8.58
C TRP A 59 7.29 -2.43 -8.90
N VAL A 60 7.11 -2.05 -10.16
CA VAL A 60 5.82 -1.58 -10.66
C VAL A 60 5.43 -2.43 -11.85
N ILE A 61 4.28 -3.08 -11.77
CA ILE A 61 3.74 -3.90 -12.84
C ILE A 61 2.52 -3.20 -13.41
N PRO A 62 2.61 -2.59 -14.60
CA PRO A 62 1.45 -1.88 -15.17
C PRO A 62 0.48 -2.83 -15.86
N GLU A 63 -0.20 -3.65 -15.06
CA GLU A 63 -1.13 -4.63 -15.58
C GLU A 63 -2.33 -4.74 -14.65
N ARG A 64 -3.47 -5.10 -15.22
CA ARG A 64 -4.63 -5.47 -14.41
C ARG A 64 -4.31 -6.75 -13.64
N ASP A 65 -4.62 -6.75 -12.34
CA ASP A 65 -4.23 -7.86 -11.47
C ASP A 65 -5.16 -9.04 -11.71
N THR A 66 -4.83 -9.85 -12.72
CA THR A 66 -5.48 -11.13 -12.94
C THR A 66 -4.64 -12.29 -12.42
N PHE A 67 -3.80 -12.03 -11.42
CA PHE A 67 -2.76 -12.96 -11.02
C PHE A 67 -2.86 -13.38 -9.56
N THR A 68 -2.86 -12.42 -8.62
CA THR A 68 -2.67 -12.75 -7.22
C THR A 68 -3.74 -13.71 -6.69
N ASN A 69 -4.97 -13.57 -7.16
CA ASN A 69 -6.05 -14.44 -6.72
C ASN A 69 -6.53 -15.30 -7.88
N PRO A 70 -6.63 -16.62 -7.72
CA PRO A 70 -7.24 -17.45 -8.76
C PRO A 70 -8.68 -17.08 -9.06
N GLU A 71 -9.39 -16.46 -8.11
CA GLU A 71 -10.79 -16.09 -8.28
C GLU A 71 -10.97 -14.76 -9.01
N GLU A 72 -9.89 -14.07 -9.37
CA GLU A 72 -9.97 -12.76 -10.02
C GLU A 72 -9.17 -12.79 -11.31
N GLY A 73 -9.63 -13.60 -12.26
CA GLY A 73 -8.92 -13.74 -13.54
C GLY A 73 -9.57 -13.00 -14.69
N ASP A 74 -10.79 -12.51 -14.47
CA ASP A 74 -11.53 -11.80 -15.49
C ASP A 74 -11.79 -10.36 -15.05
N LEU A 75 -12.04 -9.49 -16.02
CA LEU A 75 -12.26 -8.07 -15.77
C LEU A 75 -13.71 -7.67 -15.94
N ASN A 76 -14.62 -8.62 -16.10
CA ASN A 76 -16.03 -8.37 -16.30
C ASN A 76 -16.80 -8.54 -14.99
N PRO A 77 -18.03 -8.04 -14.91
CA PRO A 77 -18.80 -8.16 -13.66
C PRO A 77 -19.41 -9.55 -13.51
N PRO A 78 -19.45 -10.09 -12.30
CA PRO A 78 -19.99 -11.43 -12.08
C PRO A 78 -21.49 -11.37 -11.84
N PRO A 79 -22.14 -12.51 -11.50
CA PRO A 79 -23.56 -12.42 -11.09
C PRO A 79 -23.80 -11.42 -9.98
N GLU A 80 -22.76 -11.14 -9.17
CA GLU A 80 -22.74 -10.08 -8.17
C GLU A 80 -23.42 -8.82 -8.71
N ALA A 81 -23.95 -8.01 -7.80
CA ALA A 81 -25.24 -7.40 -8.11
C ALA A 81 -25.52 -6.10 -7.36
N LYS A 82 -26.34 -6.26 -6.32
CA LYS A 82 -26.66 -5.23 -5.35
C LYS A 82 -25.90 -5.50 -4.04
N GLN A 83 -24.57 -5.46 -4.14
CA GLN A 83 -23.72 -5.48 -2.97
C GLN A 83 -22.78 -4.29 -3.00
N VAL A 84 -22.09 -4.05 -4.11
CA VAL A 84 -21.16 -2.95 -4.20
C VAL A 84 -21.75 -1.88 -5.13
N PRO A 85 -22.25 -0.77 -4.59
CA PRO A 85 -22.57 0.37 -5.46
C PRO A 85 -21.35 1.25 -5.67
N VAL A 86 -20.39 1.17 -4.74
CA VAL A 86 -19.11 1.85 -4.89
C VAL A 86 -18.20 0.89 -5.64
N SER A 87 -18.36 0.86 -6.96
CA SER A 87 -17.58 0.00 -7.83
C SER A 87 -17.60 0.60 -9.22
N TYR A 88 -16.65 0.18 -10.05
CA TYR A 88 -16.56 0.68 -11.41
C TYR A 88 -15.84 -0.35 -12.26
N TYR A 89 -16.42 -0.67 -13.42
CA TYR A 89 -15.93 -1.75 -14.27
C TYR A 89 -15.64 -1.22 -15.66
N ASP A 90 -14.41 -1.42 -16.12
CA ASP A 90 -14.02 -1.14 -17.51
C ASP A 90 -12.92 -2.12 -17.85
N SER A 91 -13.24 -3.08 -18.73
CA SER A 91 -12.28 -4.12 -19.07
C SER A 91 -11.21 -3.65 -20.05
N THR A 92 -11.38 -2.47 -20.66
CA THR A 92 -10.39 -1.95 -21.60
C THR A 92 -9.36 -1.04 -20.92
N TYR A 93 -9.57 -0.68 -19.66
CA TYR A 93 -8.61 0.16 -18.96
C TYR A 93 -7.32 -0.59 -18.72
N LEU A 94 -6.19 0.10 -18.91
CA LEU A 94 -4.85 -0.46 -18.68
C LEU A 94 -4.61 -1.68 -19.56
N SER A 95 -5.02 -1.58 -20.83
CA SER A 95 -4.80 -2.65 -21.79
C SER A 95 -3.87 -2.27 -22.93
N THR A 96 -3.72 -0.98 -23.23
CA THR A 96 -2.86 -0.52 -24.30
C THR A 96 -1.51 -0.09 -23.75
N ASP A 97 -0.53 0.01 -24.65
CA ASP A 97 0.80 0.45 -24.27
C ASP A 97 0.80 1.90 -23.79
N ASN A 98 -0.09 2.73 -24.34
CA ASN A 98 -0.16 4.12 -23.92
C ASN A 98 -0.67 4.26 -22.50
N GLU A 99 -1.71 3.48 -22.14
CA GLU A 99 -2.20 3.50 -20.77
C GLU A 99 -1.13 3.00 -19.81
N LYS A 100 -0.42 1.93 -20.18
CA LYS A 100 0.65 1.41 -19.33
C LYS A 100 1.75 2.44 -19.15
N ASP A 101 2.05 3.21 -20.21
CA ASP A 101 3.05 4.26 -20.09
C ASP A 101 2.61 5.33 -19.11
N ASN A 102 1.33 5.72 -19.15
CA ASN A 102 0.83 6.72 -18.22
C ASN A 102 0.63 6.17 -16.82
N TYR A 103 0.28 4.88 -16.70
CA TYR A 103 0.15 4.27 -15.39
C TYR A 103 1.48 4.28 -14.65
N LEU A 104 2.52 3.74 -15.27
CA LEU A 104 3.84 3.69 -14.63
C LEU A 104 4.40 5.08 -14.40
N LYS A 105 4.12 6.03 -15.29
CA LYS A 105 4.53 7.41 -15.05
C LYS A 105 3.69 8.05 -13.94
N GLY A 106 2.42 7.65 -13.82
CA GLY A 106 1.59 8.19 -12.75
C GLY A 106 1.99 7.65 -11.38
N VAL A 107 2.29 6.35 -11.31
CA VAL A 107 2.80 5.78 -10.06
C VAL A 107 4.12 6.43 -9.68
N THR A 108 5.01 6.59 -10.66
CA THR A 108 6.31 7.22 -10.39
C THR A 108 6.14 8.65 -9.89
N LYS A 109 5.20 9.39 -10.49
CA LYS A 109 4.96 10.76 -10.04
C LYS A 109 4.45 10.79 -8.59
N LEU A 110 3.50 9.91 -8.27
CA LEU A 110 2.97 9.88 -6.90
C LEU A 110 4.02 9.43 -5.90
N PHE A 111 4.97 8.59 -6.32
CA PHE A 111 6.02 8.14 -5.41
C PHE A 111 6.99 9.27 -5.08
N GLU A 112 7.24 10.17 -6.03
CA GLU A 112 8.09 11.32 -5.73
C GLU A 112 7.35 12.36 -4.90
N ARG A 113 6.02 12.45 -5.08
CA ARG A 113 5.24 13.33 -4.21
C ARG A 113 5.29 12.85 -2.77
N ILE A 114 5.23 11.54 -2.56
CA ILE A 114 5.36 11.00 -1.21
C ILE A 114 6.79 11.18 -0.69
N TYR A 115 7.78 10.96 -1.55
CA TYR A 115 9.17 11.18 -1.17
C TYR A 115 9.47 12.65 -0.92
N SER A 116 8.67 13.57 -1.47
CA SER A 116 8.94 15.00 -1.33
C SER A 116 8.74 15.50 0.10
N THR A 117 8.00 14.76 0.93
CA THR A 117 7.74 15.16 2.30
C THR A 117 8.60 14.35 3.26
N ASP A 118 8.83 14.91 4.44
CA ASP A 118 9.58 14.20 5.47
C ASP A 118 8.84 12.95 5.93
N LEU A 119 7.52 13.05 6.08
CA LEU A 119 6.73 11.90 6.51
C LEU A 119 6.81 10.76 5.49
N GLY A 120 6.72 11.10 4.21
CA GLY A 120 6.83 10.08 3.18
C GLY A 120 8.23 9.50 3.07
N ARG A 121 9.25 10.36 3.18
CA ARG A 121 10.62 9.87 3.19
C ARG A 121 10.87 8.92 4.35
N MET A 122 10.18 9.13 5.47
CA MET A 122 10.32 8.22 6.60
C MET A 122 9.56 6.91 6.38
N LEU A 123 8.35 7.00 5.83
CA LEU A 123 7.59 5.78 5.55
C LEU A 123 8.26 4.95 4.47
N LEU A 124 8.77 5.60 3.43
CA LEU A 124 9.43 4.87 2.35
C LEU A 124 10.72 4.21 2.83
N THR A 125 11.46 4.89 3.71
CA THR A 125 12.63 4.26 4.31
C THR A 125 12.23 3.07 5.19
N SER A 126 11.16 3.22 5.96
CA SER A 126 10.65 2.10 6.74
C SER A 126 10.18 0.96 5.85
N ILE A 127 9.70 1.27 4.65
CA ILE A 127 9.23 0.23 3.74
C ILE A 127 10.39 -0.50 3.10
N VAL A 128 11.40 0.25 2.65
CA VAL A 128 12.55 -0.38 2.00
C VAL A 128 13.34 -1.22 3.01
N ARG A 129 13.38 -0.80 4.27
CA ARG A 129 14.08 -1.58 5.29
C ARG A 129 13.31 -2.82 5.70
N GLY A 130 12.00 -2.86 5.46
CA GLY A 130 11.17 -3.94 5.96
C GLY A 130 11.28 -5.23 5.15
N ILE A 131 12.47 -5.80 5.10
CA ILE A 131 12.66 -7.06 4.37
C ILE A 131 11.84 -8.15 5.03
N PRO A 132 11.04 -8.92 4.28
CA PRO A 132 10.28 -10.02 4.89
C PRO A 132 11.22 -11.02 5.53
N PHE A 133 10.81 -11.53 6.69
CA PHE A 133 11.69 -12.34 7.52
C PHE A 133 12.00 -13.68 6.85
N TRP A 134 13.25 -14.13 7.01
CA TRP A 134 13.68 -15.45 6.56
C TRP A 134 13.23 -16.46 7.61
N GLY A 135 12.05 -17.03 7.42
CA GLY A 135 11.51 -17.98 8.37
C GLY A 135 10.88 -19.20 7.72
N GLY A 136 11.43 -19.61 6.59
CA GLY A 136 10.98 -20.79 5.89
C GLY A 136 11.67 -22.08 6.27
N SER A 137 12.66 -22.01 7.16
CA SER A 137 13.35 -23.21 7.61
C SER A 137 12.47 -24.00 8.58
N THR A 138 12.84 -25.26 8.78
CA THR A 138 12.25 -26.08 9.84
C THR A 138 13.31 -26.60 10.80
N ILE A 139 14.56 -26.17 10.64
CA ILE A 139 15.61 -26.42 11.61
C ILE A 139 15.90 -25.09 12.32
N ASP A 140 15.95 -25.13 13.66
CA ASP A 140 16.17 -23.91 14.42
C ASP A 140 17.51 -23.27 14.11
N THR A 141 18.51 -24.07 13.74
CA THR A 141 19.85 -23.59 13.49
C THR A 141 20.06 -23.10 12.06
N GLU A 142 19.00 -23.03 11.26
CA GLU A 142 19.10 -22.65 9.85
C GLU A 142 18.19 -21.46 9.56
N LEU A 143 18.71 -20.47 8.86
CA LEU A 143 17.98 -19.27 8.46
C LEU A 143 17.69 -19.37 6.97
N LYS A 144 16.44 -19.65 6.62
CA LYS A 144 16.05 -19.88 5.23
C LYS A 144 14.94 -18.91 4.83
N VAL A 145 14.98 -18.50 3.55
CA VAL A 145 14.03 -17.53 3.04
C VAL A 145 12.65 -18.17 2.89
N ILE A 146 11.63 -17.31 2.83
CA ILE A 146 10.27 -17.71 2.51
C ILE A 146 10.06 -17.49 1.01
N ASP A 147 9.77 -18.57 0.28
CA ASP A 147 9.98 -18.56 -1.16
C ASP A 147 8.98 -17.71 -1.93
N THR A 148 7.82 -17.39 -1.35
CA THR A 148 6.85 -16.55 -2.04
C THR A 148 7.01 -15.07 -1.70
N ASN A 149 8.14 -14.68 -1.12
CA ASN A 149 8.51 -13.28 -0.95
C ASN A 149 9.48 -12.80 -2.02
N CYS A 150 9.45 -13.45 -3.19
CA CYS A 150 10.38 -13.16 -4.27
C CYS A 150 9.60 -12.99 -5.58
N ILE A 151 10.34 -12.77 -6.66
CA ILE A 151 9.80 -12.74 -8.01
C ILE A 151 10.80 -13.45 -8.93
N ASN A 152 10.36 -13.78 -10.13
CA ASN A 152 11.19 -14.50 -11.10
C ASN A 152 11.46 -13.60 -12.29
N VAL A 153 12.67 -13.01 -12.32
CA VAL A 153 13.09 -12.15 -13.42
C VAL A 153 13.65 -13.00 -14.55
N ILE A 154 13.24 -12.67 -15.77
CA ILE A 154 13.89 -13.22 -16.96
C ILE A 154 15.12 -12.38 -17.25
N GLN A 155 16.28 -13.01 -17.20
CA GLN A 155 17.54 -12.32 -17.49
C GLN A 155 17.89 -12.48 -18.96
N PRO A 156 18.83 -11.66 -19.47
CA PRO A 156 19.06 -11.64 -20.93
C PRO A 156 19.39 -13.00 -21.55
N ASP A 157 19.97 -13.93 -20.80
CA ASP A 157 20.25 -15.24 -21.39
C ASP A 157 18.99 -16.06 -21.61
N GLY A 158 17.84 -15.61 -21.09
CA GLY A 158 16.57 -16.29 -21.26
C GLY A 158 16.10 -17.05 -20.05
N SER A 159 16.93 -17.19 -19.02
CA SER A 159 16.59 -18.01 -17.87
C SER A 159 15.92 -17.16 -16.77
N TYR A 160 15.54 -17.84 -15.69
CA TYR A 160 14.81 -17.23 -14.58
C TYR A 160 15.70 -17.22 -13.34
N ARG A 161 15.91 -16.04 -12.76
CA ARG A 161 16.57 -15.90 -11.48
C ARG A 161 15.59 -15.26 -10.50
N SER A 162 15.49 -15.85 -9.31
CA SER A 162 14.57 -15.34 -8.30
C SER A 162 15.23 -14.21 -7.51
N GLU A 163 14.43 -13.23 -7.11
CA GLU A 163 14.93 -12.02 -6.49
C GLU A 163 13.97 -11.55 -5.41
N GLU A 164 14.50 -11.26 -4.22
CA GLU A 164 13.68 -10.78 -3.13
C GLU A 164 13.18 -9.37 -3.42
N LEU A 165 11.99 -9.06 -2.89
CA LEU A 165 11.43 -7.73 -3.04
C LEU A 165 10.40 -7.51 -1.94
N ASN A 166 10.19 -6.24 -1.61
CA ASN A 166 9.27 -5.83 -0.53
C ASN A 166 7.90 -5.44 -1.06
N LEU A 167 7.85 -4.60 -2.10
CA LEU A 167 6.63 -3.94 -2.53
C LEU A 167 6.41 -4.14 -4.01
N VAL A 168 5.14 -4.33 -4.38
CA VAL A 168 4.72 -4.42 -5.78
C VAL A 168 3.54 -3.48 -5.98
N ILE A 169 3.63 -2.63 -7.00
CA ILE A 169 2.53 -1.75 -7.38
C ILE A 169 1.87 -2.35 -8.61
N ILE A 170 0.63 -2.81 -8.45
CA ILE A 170 -0.11 -3.53 -9.48
C ILE A 170 -1.39 -2.77 -9.79
N GLY A 171 -1.88 -2.94 -11.02
CA GLY A 171 -3.16 -2.38 -11.40
C GLY A 171 -4.30 -3.14 -10.78
N PRO A 172 -5.50 -2.57 -10.82
CA PRO A 172 -6.67 -3.25 -10.23
C PRO A 172 -7.16 -4.38 -11.14
N SER A 173 -8.03 -5.20 -10.57
CA SER A 173 -8.66 -6.25 -11.37
C SER A 173 -10.00 -5.77 -11.91
N ALA A 174 -10.98 -6.66 -11.95
CA ALA A 174 -12.29 -6.34 -12.54
C ALA A 174 -12.85 -5.04 -11.95
N ASP A 175 -12.91 -4.97 -10.63
CA ASP A 175 -13.37 -3.76 -9.95
C ASP A 175 -12.22 -2.77 -9.90
N ILE A 176 -12.32 -1.69 -10.69
CA ILE A 176 -11.19 -0.79 -10.88
C ILE A 176 -10.89 -0.01 -9.61
N ILE A 177 -11.92 0.47 -8.93
CA ILE A 177 -11.76 1.43 -7.85
C ILE A 177 -11.63 0.77 -6.48
N GLN A 178 -11.45 -0.55 -6.43
CA GLN A 178 -11.27 -1.26 -5.16
C GLN A 178 -9.78 -1.53 -4.97
N PHE A 179 -9.06 -0.51 -4.52
CA PHE A 179 -7.66 -0.67 -4.18
C PHE A 179 -7.53 -1.47 -2.88
N GLU A 180 -6.52 -2.34 -2.81
CA GLU A 180 -6.34 -3.11 -1.59
C GLU A 180 -4.97 -3.74 -1.58
N CYS A 181 -4.53 -4.10 -0.37
CA CYS A 181 -3.29 -4.84 -0.19
C CYS A 181 -3.53 -6.32 -0.40
N LYS A 182 -2.54 -6.98 -1.00
CA LYS A 182 -2.58 -8.43 -1.20
C LYS A 182 -1.19 -8.99 -0.93
N SER A 183 -1.16 -10.19 -0.36
CA SER A 183 0.10 -10.85 -0.08
C SER A 183 -0.16 -12.35 0.05
N PHE A 184 0.79 -13.14 -0.43
CA PHE A 184 0.65 -14.59 -0.35
C PHE A 184 0.92 -15.06 1.07
N GLY A 185 0.21 -16.11 1.47
CA GLY A 185 0.31 -16.62 2.82
C GLY A 185 1.07 -17.92 2.93
N HIS A 186 1.48 -18.25 4.15
CA HIS A 186 2.08 -19.53 4.44
C HIS A 186 0.99 -20.56 4.73
N GLU A 187 1.40 -21.83 4.82
CA GLU A 187 0.48 -22.85 5.31
C GLU A 187 0.33 -22.79 6.82
N VAL A 188 1.36 -22.32 7.53
CA VAL A 188 1.37 -22.25 8.98
C VAL A 188 1.46 -20.80 9.46
N LEU A 189 2.42 -20.04 8.93
CA LEU A 189 2.65 -18.68 9.40
C LEU A 189 1.57 -17.74 8.89
N ASN A 190 1.18 -16.80 9.74
CA ASN A 190 0.40 -15.63 9.35
C ASN A 190 1.39 -14.49 9.24
N LEU A 191 1.89 -14.25 8.02
CA LEU A 191 3.09 -13.45 7.83
C LEU A 191 2.88 -11.98 8.19
N THR A 192 1.67 -11.46 8.00
CA THR A 192 1.39 -10.06 8.29
C THR A 192 0.95 -9.82 9.72
N ARG A 193 0.86 -10.88 10.54
CA ARG A 193 0.44 -10.75 11.92
C ARG A 193 1.43 -11.33 12.91
N ASN A 194 2.59 -11.82 12.46
CA ASN A 194 3.55 -12.48 13.32
C ASN A 194 4.92 -11.80 13.27
N GLY A 195 4.93 -10.50 12.95
CA GLY A 195 6.18 -9.76 12.87
C GLY A 195 7.06 -10.09 11.69
N TYR A 196 6.80 -11.18 10.97
CA TYR A 196 7.65 -11.56 9.84
C TYR A 196 7.56 -10.54 8.72
N GLY A 197 6.36 -10.28 8.24
CA GLY A 197 6.16 -9.52 7.02
C GLY A 197 6.11 -10.41 5.79
N SER A 198 5.62 -9.84 4.70
CA SER A 198 5.52 -10.56 3.45
C SER A 198 5.47 -9.54 2.32
N THR A 199 5.89 -9.97 1.13
CA THR A 199 5.85 -9.09 -0.04
C THR A 199 4.42 -8.64 -0.29
N GLN A 200 4.24 -7.33 -0.40
CA GLN A 200 2.91 -6.74 -0.48
C GLN A 200 2.61 -6.34 -1.92
N TYR A 201 1.42 -6.70 -2.39
CA TYR A 201 0.93 -6.35 -3.72
C TYR A 201 -0.21 -5.34 -3.54
N ILE A 202 0.02 -4.11 -3.94
CA ILE A 202 -0.94 -3.02 -3.77
C ILE A 202 -1.67 -2.82 -5.09
N ARG A 203 -2.94 -3.21 -5.14
CA ARG A 203 -3.78 -2.85 -6.28
C ARG A 203 -4.03 -1.35 -6.25
N PHE A 204 -3.52 -0.64 -7.25
CA PHE A 204 -3.64 0.80 -7.28
C PHE A 204 -3.73 1.26 -8.73
N SER A 205 -4.34 2.43 -8.92
CA SER A 205 -4.38 3.08 -10.22
C SER A 205 -4.30 4.58 -9.99
N PRO A 206 -3.41 5.28 -10.69
CA PRO A 206 -3.35 6.75 -10.60
C PRO A 206 -4.29 7.47 -11.56
N ASP A 207 -5.13 6.74 -12.28
CA ASP A 207 -5.97 7.30 -13.32
C ASP A 207 -7.41 7.55 -12.86
N PHE A 208 -7.72 7.25 -11.60
CA PHE A 208 -9.05 7.49 -11.05
C PHE A 208 -8.90 8.06 -9.65
N THR A 209 -9.92 8.79 -9.21
CA THR A 209 -9.92 9.35 -7.86
C THR A 209 -11.35 9.50 -7.39
N PHE A 210 -11.52 9.50 -6.07
CA PHE A 210 -12.83 9.53 -5.46
C PHE A 210 -13.24 10.95 -5.10
N GLY A 211 -14.55 11.18 -5.03
CA GLY A 211 -15.09 12.45 -4.63
C GLY A 211 -15.50 12.44 -3.17
N PHE A 212 -15.48 13.62 -2.55
CA PHE A 212 -15.89 13.77 -1.16
C PHE A 212 -16.44 15.17 -0.97
N GLU A 213 -17.25 15.33 0.08
CA GLU A 213 -17.91 16.59 0.37
C GLU A 213 -17.20 17.34 1.48
N GLU A 214 -17.14 18.66 1.35
CA GLU A 214 -16.34 19.47 2.26
C GLU A 214 -16.97 19.57 3.64
N SER A 215 -18.30 19.57 3.73
CA SER A 215 -18.98 19.60 5.01
C SER A 215 -19.07 18.20 5.60
N LEU A 216 -18.82 18.09 6.90
CA LEU A 216 -18.80 16.78 7.55
C LEU A 216 -20.18 16.14 7.54
N GLU A 217 -21.22 16.92 7.82
CA GLU A 217 -22.58 16.39 7.83
C GLU A 217 -22.98 15.85 6.45
N VAL A 218 -22.45 16.46 5.39
CA VAL A 218 -22.75 16.00 4.03
C VAL A 218 -21.91 14.78 3.68
N ASP A 219 -20.62 14.82 4.01
CA ASP A 219 -19.72 13.73 3.63
C ASP A 219 -20.10 12.42 4.31
N THR A 220 -20.48 12.49 5.60
CA THR A 220 -20.90 11.30 6.33
C THR A 220 -22.36 10.97 6.11
N ASN A 221 -23.08 11.74 5.28
CA ASN A 221 -24.46 11.41 4.97
C ASN A 221 -24.51 10.65 3.65
N PRO A 222 -25.17 9.50 3.60
CA PRO A 222 -25.22 8.70 2.36
C PRO A 222 -26.19 9.21 1.31
N LEU A 223 -26.82 10.38 1.51
CA LEU A 223 -27.83 10.86 0.59
C LEU A 223 -27.54 12.24 0.02
N LEU A 224 -26.44 12.88 0.42
CA LEU A 224 -26.18 14.28 0.10
C LEU A 224 -24.85 14.42 -0.62
N GLY A 225 -24.83 15.27 -1.64
CA GLY A 225 -23.58 15.64 -2.29
C GLY A 225 -23.27 14.77 -3.50
N ALA A 226 -22.64 15.40 -4.49
CA ALA A 226 -22.19 14.71 -5.68
C ALA A 226 -20.68 14.55 -5.75
N GLY A 227 -19.95 15.01 -4.73
CA GLY A 227 -18.50 14.91 -4.73
C GLY A 227 -17.83 16.15 -5.29
N LYS A 228 -17.98 17.28 -4.59
CA LYS A 228 -17.46 18.55 -5.10
C LYS A 228 -15.93 18.52 -5.18
N PHE A 229 -15.27 17.98 -4.16
CA PHE A 229 -13.81 17.90 -4.15
C PHE A 229 -13.37 16.46 -4.41
N ALA A 230 -12.15 16.34 -4.94
CA ALA A 230 -11.58 15.05 -5.28
C ALA A 230 -10.40 14.73 -4.36
N THR A 231 -10.20 13.43 -4.11
CA THR A 231 -9.11 12.98 -3.26
C THR A 231 -7.80 13.03 -4.03
N ASP A 232 -6.78 13.63 -3.43
CA ASP A 232 -5.45 13.62 -4.03
C ASP A 232 -4.93 12.20 -4.07
N PRO A 233 -4.62 11.64 -5.25
CA PRO A 233 -4.17 10.24 -5.30
C PRO A 233 -2.88 9.99 -4.54
N ALA A 234 -2.08 11.02 -4.27
CA ALA A 234 -0.90 10.83 -3.44
C ALA A 234 -1.29 10.41 -2.02
N VAL A 235 -2.40 10.94 -1.52
CA VAL A 235 -2.91 10.51 -0.22
C VAL A 235 -3.41 9.07 -0.28
N THR A 236 -4.09 8.71 -1.37
CA THR A 236 -4.61 7.36 -1.50
C THR A 236 -3.49 6.33 -1.57
N LEU A 237 -2.44 6.63 -2.33
CA LEU A 237 -1.29 5.72 -2.39
C LEU A 237 -0.63 5.61 -1.01
N ALA A 238 -0.35 6.75 -0.38
CA ALA A 238 0.28 6.75 0.93
C ALA A 238 -0.56 5.99 1.95
N HIS A 239 -1.89 6.08 1.83
CA HIS A 239 -2.77 5.27 2.68
C HIS A 239 -2.45 3.79 2.55
N GLU A 240 -2.20 3.33 1.33
CA GLU A 240 -1.95 1.91 1.10
C GLU A 240 -0.52 1.51 1.48
N LEU A 241 0.45 2.42 1.31
CA LEU A 241 1.79 2.15 1.81
C LEU A 241 1.80 1.96 3.32
N ILE A 242 0.87 2.60 4.02
CA ILE A 242 0.79 2.46 5.47
C ILE A 242 0.34 1.05 5.84
N HIS A 243 -0.70 0.55 5.16
CA HIS A 243 -1.16 -0.82 5.38
C HIS A 243 -0.04 -1.82 5.08
N ALA A 244 0.56 -1.70 3.90
CA ALA A 244 1.68 -2.57 3.54
C ALA A 244 2.85 -2.41 4.51
N GLY A 245 3.02 -1.21 5.07
CA GLY A 245 4.02 -0.98 6.09
C GLY A 245 3.79 -1.86 7.30
N HIS A 246 2.59 -1.79 7.88
CA HIS A 246 2.26 -2.68 8.99
C HIS A 246 2.38 -4.14 8.57
N ARG A 247 1.95 -4.46 7.35
CA ARG A 247 1.96 -5.84 6.88
C ARG A 247 3.38 -6.32 6.59
N LEU A 248 4.29 -5.41 6.24
CA LEU A 248 5.68 -5.80 6.01
C LEU A 248 6.44 -5.98 7.32
N TYR A 249 5.96 -5.40 8.42
CA TYR A 249 6.53 -5.63 9.74
C TYR A 249 5.73 -6.64 10.55
N GLY A 250 4.71 -7.25 9.93
CA GLY A 250 3.94 -8.28 10.59
C GLY A 250 3.13 -7.81 11.78
N ILE A 251 2.73 -6.54 11.80
CA ILE A 251 2.00 -5.98 12.93
C ILE A 251 0.58 -5.59 12.54
N ALA A 252 0.06 -6.16 11.45
CA ALA A 252 -1.28 -5.82 11.01
C ALA A 252 -2.33 -6.40 11.95
N ILE A 253 -3.30 -5.57 12.34
CA ILE A 253 -4.41 -6.05 13.15
C ILE A 253 -5.25 -7.03 12.35
N ASN A 254 -5.62 -8.13 12.98
CA ASN A 254 -6.43 -9.15 12.32
C ASN A 254 -7.72 -8.53 11.80
N PRO A 255 -8.01 -8.66 10.50
CA PRO A 255 -9.25 -8.06 9.96
C PRO A 255 -10.53 -8.60 10.58
N ASN A 256 -10.48 -9.61 11.44
CA ASN A 256 -11.68 -10.03 12.15
C ASN A 256 -12.05 -9.03 13.23
N ARG A 257 -11.06 -8.38 13.84
CA ARG A 257 -11.31 -7.35 14.83
C ARG A 257 -11.84 -6.10 14.15
N VAL A 258 -13.12 -5.80 14.35
CA VAL A 258 -13.76 -4.63 13.77
C VAL A 258 -14.47 -3.86 14.88
N PHE A 259 -14.75 -2.59 14.58
CA PHE A 259 -15.36 -1.68 15.53
C PHE A 259 -16.78 -1.37 15.09
N LYS A 260 -17.74 -1.59 16.00
CA LYS A 260 -19.15 -1.40 15.70
C LYS A 260 -19.45 0.11 15.71
N VAL A 261 -19.43 0.71 14.52
CA VAL A 261 -19.59 2.16 14.38
C VAL A 261 -20.91 2.60 14.99
N ASN A 262 -20.83 3.26 16.15
CA ASN A 262 -22.01 3.81 16.82
C ASN A 262 -22.01 5.34 16.81
N THR A 263 -21.20 5.95 15.94
CA THR A 263 -21.17 7.39 15.77
C THR A 263 -21.77 7.83 14.45
N ASN A 264 -22.40 6.91 13.71
CA ASN A 264 -23.06 7.21 12.44
C ASN A 264 -24.32 6.35 12.39
N ALA A 265 -25.48 6.99 12.60
CA ALA A 265 -26.73 6.24 12.67
C ALA A 265 -27.03 5.53 11.36
N TYR A 266 -26.53 6.04 10.24
CA TYR A 266 -26.66 5.32 8.98
C TYR A 266 -25.82 4.05 8.97
N TYR A 267 -24.64 4.11 9.58
CA TYR A 267 -23.82 2.90 9.74
C TYR A 267 -24.51 1.90 10.66
N GLU A 268 -25.01 2.37 11.80
CA GLU A 268 -25.70 1.48 12.74
C GLU A 268 -26.89 0.79 12.07
N MET A 269 -27.61 1.52 11.22
CA MET A 269 -28.81 0.97 10.58
C MET A 269 -28.47 -0.26 9.75
N SER A 270 -27.44 -0.17 8.90
CA SER A 270 -27.03 -1.29 8.08
C SER A 270 -26.11 -2.27 8.81
N GLY A 271 -25.73 -1.97 10.05
CA GLY A 271 -24.76 -2.80 10.73
C GLY A 271 -23.39 -2.81 10.08
N LEU A 272 -23.03 -1.72 9.40
CA LEU A 272 -21.74 -1.65 8.73
C LEU A 272 -20.62 -1.56 9.76
N GLU A 273 -19.63 -2.44 9.63
CA GLU A 273 -18.52 -2.50 10.56
C GLU A 273 -17.22 -2.14 9.84
N VAL A 274 -16.31 -1.51 10.59
CA VAL A 274 -15.05 -1.00 10.05
C VAL A 274 -13.91 -1.60 10.87
N SER A 275 -12.89 -2.09 10.17
CA SER A 275 -11.82 -2.82 10.83
C SER A 275 -10.91 -1.89 11.64
N PHE A 276 -10.31 -2.46 12.69
CA PHE A 276 -9.34 -1.71 13.48
C PHE A 276 -8.16 -1.27 12.64
N GLU A 277 -7.73 -2.13 11.70
CA GLU A 277 -6.53 -1.83 10.91
C GLU A 277 -6.71 -0.58 10.07
N GLU A 278 -7.90 -0.38 9.51
CA GLU A 278 -8.13 0.81 8.68
C GLU A 278 -8.31 2.06 9.52
N LEU A 279 -9.00 1.94 10.66
CA LEU A 279 -9.09 3.07 11.58
C LEU A 279 -7.70 3.52 12.03
N ARG A 280 -6.81 2.56 12.26
CA ARG A 280 -5.43 2.89 12.60
C ARG A 280 -4.71 3.57 11.44
N THR A 281 -4.93 3.06 10.22
CA THR A 281 -4.23 3.61 9.06
C THR A 281 -4.66 5.04 8.77
N PHE A 282 -5.93 5.36 9.00
CA PHE A 282 -6.40 6.74 8.82
C PHE A 282 -5.87 7.65 9.91
N GLY A 283 -5.96 7.21 11.17
CA GLY A 283 -5.51 8.01 12.29
C GLY A 283 -6.52 9.04 12.73
N GLY A 284 -6.06 10.21 13.15
CA GLY A 284 -6.96 11.27 13.55
C GLY A 284 -7.88 10.86 14.68
N HIS A 285 -9.10 11.38 14.66
CA HIS A 285 -10.11 10.99 15.64
C HIS A 285 -10.57 9.54 15.44
N ASP A 286 -10.30 8.95 14.27
CA ASP A 286 -10.75 7.59 13.99
C ASP A 286 -9.94 6.57 14.77
N ALA A 287 -8.62 6.76 14.87
CA ALA A 287 -7.77 5.81 15.58
C ALA A 287 -8.02 5.80 17.07
N LYS A 288 -8.82 6.72 17.60
CA LYS A 288 -9.20 6.72 19.00
C LYS A 288 -10.41 5.82 19.29
N PHE A 289 -11.05 5.29 18.25
CA PHE A 289 -12.13 4.34 18.46
C PHE A 289 -11.63 3.03 19.07
N ILE A 290 -10.37 2.70 18.87
CA ILE A 290 -9.73 1.58 19.57
C ILE A 290 -9.59 1.99 21.04
N ASP A 291 -10.34 1.34 21.92
CA ASP A 291 -10.21 1.66 23.34
C ASP A 291 -8.90 1.10 23.88
N SER A 292 -8.35 1.80 24.88
CA SER A 292 -6.95 1.62 25.27
C SER A 292 -6.64 0.22 25.77
N LEU A 293 -7.65 -0.58 26.14
CA LEU A 293 -7.36 -1.91 26.66
C LEU A 293 -6.84 -2.83 25.57
N GLN A 294 -7.54 -2.90 24.43
CA GLN A 294 -7.07 -3.74 23.32
C GLN A 294 -5.98 -3.07 22.51
N GLU A 295 -5.86 -1.75 22.57
CA GLU A 295 -4.68 -1.09 21.99
C GLU A 295 -3.41 -1.59 22.66
N ASN A 296 -3.47 -1.81 23.98
CA ASN A 296 -2.31 -2.32 24.71
C ASN A 296 -2.13 -3.82 24.53
N GLU A 297 -3.23 -4.56 24.31
CA GLU A 297 -3.12 -6.00 24.07
C GLU A 297 -2.42 -6.27 22.73
N PHE A 298 -2.59 -5.39 21.74
CA PHE A 298 -1.91 -5.57 20.47
C PHE A 298 -0.41 -5.33 20.62
N ARG A 299 -0.03 -4.22 21.26
CA ARG A 299 1.38 -3.90 21.45
C ARG A 299 2.09 -5.02 22.21
N LEU A 300 1.47 -5.52 23.29
CA LEU A 300 2.04 -6.63 24.03
C LEU A 300 2.09 -7.89 23.17
N TYR A 301 1.08 -8.09 22.33
CA TYR A 301 1.06 -9.27 21.46
C TYR A 301 2.20 -9.23 20.46
N TYR A 302 2.39 -8.10 19.79
CA TYR A 302 3.45 -7.99 18.79
C TYR A 302 4.82 -7.78 19.42
N TYR A 303 4.88 -7.37 20.69
CA TYR A 303 6.17 -7.35 21.40
C TYR A 303 6.72 -8.76 21.52
N ASN A 304 5.85 -9.72 21.84
CA ASN A 304 6.29 -11.11 21.90
C ASN A 304 6.72 -11.63 20.53
N LYS A 305 6.04 -11.20 19.46
CA LYS A 305 6.43 -11.66 18.14
C LYS A 305 7.83 -11.19 17.77
N PHE A 306 8.15 -9.93 18.08
CA PHE A 306 9.49 -9.42 17.80
C PHE A 306 10.55 -10.22 18.55
N LYS A 307 10.22 -10.71 19.74
CA LYS A 307 11.25 -11.23 20.64
C LYS A 307 11.67 -12.66 20.26
N ASP A 308 10.73 -13.50 19.81
CA ASP A 308 11.19 -14.80 19.32
C ASP A 308 11.58 -14.74 17.85
N ILE A 309 11.34 -13.62 17.16
CA ILE A 309 12.18 -13.34 15.99
C ILE A 309 13.63 -13.17 16.44
N ALA A 310 13.83 -12.48 17.56
CA ALA A 310 15.16 -12.39 18.14
C ALA A 310 15.64 -13.74 18.65
N SER A 311 14.74 -14.55 19.20
CA SER A 311 15.13 -15.88 19.64
C SER A 311 15.46 -16.80 18.47
N THR A 312 14.76 -16.63 17.34
CA THR A 312 15.07 -17.43 16.16
C THR A 312 16.40 -17.02 15.55
N LEU A 313 16.68 -15.72 15.50
CA LEU A 313 17.99 -15.27 15.03
C LEU A 313 19.11 -15.76 15.95
N ASN A 314 18.80 -16.03 17.22
CA ASN A 314 19.77 -16.60 18.12
C ASN A 314 19.97 -18.10 17.89
N LYS A 315 18.90 -18.80 17.50
CA LYS A 315 18.99 -20.24 17.30
C LYS A 315 19.77 -20.58 16.04
N ALA A 316 19.76 -19.71 15.04
CA ALA A 316 20.31 -20.02 13.72
C ALA A 316 21.83 -19.95 13.72
N LYS A 317 22.48 -21.00 13.21
CA LYS A 317 23.92 -21.04 13.07
C LYS A 317 24.38 -21.32 11.65
N SER A 318 23.44 -21.53 10.72
CA SER A 318 23.76 -21.69 9.31
C SER A 318 22.76 -20.88 8.49
N ILE A 319 23.14 -20.58 7.25
CA ILE A 319 22.28 -19.81 6.36
C ILE A 319 22.14 -20.56 5.04
N VAL A 320 20.91 -20.63 4.53
CA VAL A 320 20.64 -21.27 3.26
C VAL A 320 20.74 -20.23 2.15
N GLY A 321 20.95 -20.71 0.93
CA GLY A 321 21.17 -19.83 -0.19
C GLY A 321 22.62 -19.38 -0.30
N THR A 322 22.93 -18.73 -1.41
CA THR A 322 24.27 -18.20 -1.65
C THR A 322 24.24 -16.71 -1.96
N THR A 323 23.10 -16.05 -1.77
CA THR A 323 23.00 -14.63 -2.11
C THR A 323 23.75 -13.75 -1.12
N ALA A 324 23.69 -14.07 0.16
CA ALA A 324 24.25 -13.19 1.17
C ALA A 324 24.75 -14.00 2.36
N SER A 325 25.44 -13.31 3.26
CA SER A 325 26.06 -13.91 4.44
C SER A 325 25.04 -14.06 5.56
N LEU A 326 25.34 -14.99 6.47
CA LEU A 326 24.57 -15.09 7.70
C LEU A 326 24.74 -13.82 8.55
N GLN A 327 25.97 -13.29 8.58
CA GLN A 327 26.21 -12.04 9.28
C GLN A 327 25.42 -10.90 8.67
N TYR A 328 25.35 -10.84 7.34
CA TYR A 328 24.64 -9.75 6.68
C TYR A 328 23.14 -9.86 6.90
N MET A 329 22.60 -11.08 6.91
CA MET A 329 21.16 -11.23 7.08
C MET A 329 20.73 -10.94 8.51
N LYS A 330 21.53 -11.36 9.50
CA LYS A 330 21.20 -11.03 10.88
C LYS A 330 21.26 -9.53 11.12
N ASN A 331 22.19 -8.83 10.47
CA ASN A 331 22.25 -7.39 10.57
C ASN A 331 21.04 -6.73 9.90
N VAL A 332 20.52 -7.36 8.84
CA VAL A 332 19.33 -6.82 8.18
C VAL A 332 18.13 -6.86 9.11
N PHE A 333 18.00 -7.95 9.88
CA PHE A 333 16.82 -8.16 10.69
C PHE A 333 16.93 -7.58 12.10
N LYS A 334 18.11 -7.17 12.54
CA LYS A 334 18.19 -6.32 13.72
C LYS A 334 18.21 -4.84 13.34
N GLU A 335 18.27 -4.53 12.05
CA GLU A 335 18.03 -3.18 11.54
C GLU A 335 16.55 -2.95 11.29
N LYS A 336 15.85 -3.96 10.78
CA LYS A 336 14.41 -3.83 10.52
C LYS A 336 13.62 -3.72 11.82
N TYR A 337 13.86 -4.67 12.74
CA TYR A 337 13.13 -4.68 14.00
C TYR A 337 13.83 -3.89 15.10
N LEU A 338 14.96 -3.24 14.79
CA LEU A 338 15.70 -2.41 15.75
C LEU A 338 16.07 -3.21 17.00
N LEU A 339 16.49 -4.46 16.80
CA LEU A 339 16.96 -5.26 17.92
C LEU A 339 18.32 -4.76 18.39
N SER A 340 18.68 -5.16 19.61
CA SER A 340 19.93 -4.74 20.23
C SER A 340 20.98 -5.83 20.00
N GLU A 341 22.04 -5.48 19.27
CA GLU A 341 23.16 -6.39 19.08
C GLU A 341 24.18 -6.11 20.17
N ASP A 342 24.07 -6.85 21.27
CA ASP A 342 25.13 -6.76 22.28
C ASP A 342 26.30 -7.62 21.83
N THR A 343 27.08 -8.13 22.77
CA THR A 343 28.30 -8.85 22.41
C THR A 343 28.29 -10.25 23.04
N SER A 344 27.14 -10.70 23.53
CA SER A 344 26.84 -12.09 23.82
C SER A 344 26.62 -12.91 22.56
N GLY A 345 26.68 -12.30 21.38
CA GLY A 345 26.25 -12.95 20.17
C GLY A 345 24.76 -13.18 20.07
N LYS A 346 24.00 -12.79 21.08
CA LYS A 346 22.57 -13.05 21.16
C LYS A 346 21.81 -11.73 21.01
N PHE A 347 20.69 -11.78 20.29
CA PHE A 347 19.89 -10.60 20.02
C PHE A 347 18.80 -10.44 21.07
N SER A 348 18.46 -9.18 21.35
CA SER A 348 17.51 -8.83 22.38
C SER A 348 16.52 -7.81 21.84
N VAL A 349 15.45 -7.59 22.60
CA VAL A 349 14.47 -6.55 22.30
C VAL A 349 14.53 -5.51 23.40
N ASP A 350 14.53 -4.25 23.01
CA ASP A 350 14.40 -3.13 23.94
C ASP A 350 12.98 -2.61 23.81
N LYS A 351 12.20 -2.73 24.89
CA LYS A 351 10.81 -2.31 24.85
C LYS A 351 10.68 -0.84 24.45
N LEU A 352 11.63 -0.01 24.89
CA LEU A 352 11.61 1.39 24.50
C LEU A 352 11.81 1.56 23.00
N LYS A 353 12.76 0.84 22.42
CA LYS A 353 12.98 0.92 20.99
C LYS A 353 11.88 0.22 20.21
N PHE A 354 11.29 -0.84 20.78
CA PHE A 354 10.15 -1.48 20.14
C PHE A 354 8.95 -0.54 20.10
N ASP A 355 8.68 0.16 21.20
CA ASP A 355 7.60 1.14 21.21
C ASP A 355 7.90 2.29 20.27
N LYS A 356 9.17 2.71 20.20
CA LYS A 356 9.53 3.79 19.28
C LYS A 356 9.25 3.40 17.83
N LEU A 357 9.49 2.14 17.47
CA LEU A 357 9.23 1.69 16.12
C LEU A 357 7.77 1.31 15.91
N TYR A 358 7.12 0.74 16.93
CA TYR A 358 5.71 0.38 16.80
C TYR A 358 4.84 1.62 16.67
N LYS A 359 5.16 2.67 17.43
CA LYS A 359 4.39 3.91 17.33
C LYS A 359 4.63 4.61 16.00
N MET A 360 5.86 4.51 15.49
CA MET A 360 6.17 5.12 14.19
C MET A 360 5.31 4.52 13.09
N LEU A 361 5.24 3.20 13.03
CA LEU A 361 4.51 2.54 11.95
C LEU A 361 3.00 2.76 12.07
N THR A 362 2.48 2.91 13.29
CA THR A 362 1.04 2.95 13.52
C THR A 362 0.50 4.37 13.69
N GLU A 363 1.14 5.19 14.52
CA GLU A 363 0.62 6.52 14.83
C GLU A 363 1.22 7.61 13.94
N ILE A 364 2.50 7.50 13.60
CA ILE A 364 3.16 8.55 12.82
C ILE A 364 2.76 8.46 11.35
N TYR A 365 2.67 7.24 10.81
CA TYR A 365 2.33 7.03 9.41
C TYR A 365 0.82 6.84 9.31
N THR A 366 0.09 7.94 9.19
CA THR A 366 -1.35 7.90 9.05
C THR A 366 -1.79 8.71 7.84
N GLU A 367 -2.96 8.35 7.31
CA GLU A 367 -3.54 9.13 6.21
C GLU A 367 -3.77 10.58 6.63
N ASP A 368 -4.16 10.78 7.89
CA ASP A 368 -4.44 12.13 8.36
C ASP A 368 -3.17 12.98 8.46
N ASN A 369 -2.04 12.36 8.81
CA ASN A 369 -0.80 13.13 8.90
C ASN A 369 -0.22 13.45 7.54
N PHE A 370 -0.44 12.58 6.55
CA PHE A 370 -0.02 12.91 5.19
C PHE A 370 -0.80 14.08 4.63
N VAL A 371 -2.07 14.23 5.05
CA VAL A 371 -2.86 15.39 4.65
C VAL A 371 -2.21 16.67 5.17
N LYS A 372 -1.68 16.62 6.41
CA LYS A 372 -1.02 17.79 6.98
C LYS A 372 0.24 18.16 6.21
N PHE A 373 0.92 17.18 5.61
CA PHE A 373 2.13 17.47 4.86
C PHE A 373 1.84 17.94 3.44
N PHE A 374 0.81 17.39 2.81
CA PHE A 374 0.48 17.79 1.45
C PHE A 374 -0.29 19.10 1.38
N LYS A 375 -0.79 19.61 2.51
CA LYS A 375 -1.65 20.79 2.54
C LYS A 375 -2.79 20.64 1.54
N VAL A 376 -3.64 19.65 1.83
CA VAL A 376 -4.59 19.11 0.86
C VAL A 376 -5.94 18.94 1.56
N LEU A 377 -7.03 19.18 0.82
CA LEU A 377 -8.35 18.90 1.33
C LEU A 377 -8.64 17.41 1.20
N ASN A 378 -9.21 16.82 2.26
CA ASN A 378 -9.36 15.38 2.33
C ASN A 378 -10.55 15.04 3.22
N ARG A 379 -11.00 13.78 3.10
CA ARG A 379 -12.04 13.29 3.98
C ARG A 379 -11.57 13.36 5.43
N LYS A 380 -12.45 13.83 6.31
CA LYS A 380 -12.09 13.99 7.71
C LYS A 380 -12.25 12.71 8.52
N THR A 381 -12.87 11.69 7.96
CA THR A 381 -13.02 10.41 8.65
C THR A 381 -13.15 9.29 7.62
N TYR A 382 -12.80 8.08 8.06
CA TYR A 382 -12.98 6.91 7.22
C TYR A 382 -14.42 6.41 7.24
N LEU A 383 -15.21 6.79 8.25
CA LEU A 383 -16.61 6.41 8.35
C LEU A 383 -17.50 7.43 7.65
N ASN A 384 -17.24 7.60 6.35
CA ASN A 384 -18.05 8.49 5.53
C ASN A 384 -18.75 7.68 4.44
N PHE A 385 -19.17 8.34 3.37
CA PHE A 385 -19.80 7.67 2.24
C PHE A 385 -19.17 8.20 0.96
N ASP A 386 -18.61 7.30 0.15
CA ASP A 386 -18.09 7.69 -1.14
C ASP A 386 -19.22 8.28 -1.99
N LYS A 387 -18.90 9.34 -2.73
CA LYS A 387 -19.91 10.10 -3.45
C LYS A 387 -19.80 10.00 -4.96
N ALA A 388 -18.57 9.98 -5.51
CA ALA A 388 -18.37 9.86 -6.94
C ALA A 388 -16.92 9.47 -7.20
N VAL A 389 -16.66 9.05 -8.44
CA VAL A 389 -15.31 8.70 -8.88
C VAL A 389 -15.09 9.36 -10.24
N PHE A 390 -13.92 9.98 -10.41
CA PHE A 390 -13.60 10.74 -11.60
C PHE A 390 -12.48 10.06 -12.38
N LYS A 391 -12.34 10.47 -13.64
CA LYS A 391 -11.22 10.08 -14.49
C LYS A 391 -10.23 11.23 -14.52
N ILE A 392 -8.95 10.93 -14.27
CA ILE A 392 -7.92 11.95 -14.13
C ILE A 392 -6.70 11.56 -14.96
N ASN A 393 -5.95 12.58 -15.37
CA ASN A 393 -4.64 12.42 -15.99
C ASN A 393 -3.68 13.36 -15.25
N ILE A 394 -2.98 12.82 -14.25
CA ILE A 394 -2.04 13.62 -13.46
C ILE A 394 -0.65 13.64 -14.07
N VAL A 395 -0.44 12.96 -15.21
CA VAL A 395 0.88 12.95 -15.84
C VAL A 395 1.30 14.34 -16.30
N PRO A 396 0.51 15.10 -17.06
CA PRO A 396 0.96 16.41 -17.53
C PRO A 396 1.15 17.37 -16.36
N LYS A 397 2.29 18.07 -16.36
CA LYS A 397 2.58 19.01 -15.29
C LYS A 397 1.62 20.19 -15.28
N VAL A 398 0.92 20.45 -16.39
CA VAL A 398 -0.12 21.47 -16.39
C VAL A 398 -1.31 21.04 -15.57
N ASN A 399 -1.44 19.74 -15.29
CA ASN A 399 -2.54 19.18 -14.52
C ASN A 399 -2.17 18.88 -13.07
N TYR A 400 -0.92 18.45 -12.83
CA TYR A 400 -0.53 17.90 -11.55
C TYR A 400 0.99 17.92 -11.45
N THR A 401 1.51 18.24 -10.28
CA THR A 401 2.95 18.34 -10.07
C THR A 401 3.36 17.50 -8.86
N ILE A 402 4.68 17.37 -8.70
CA ILE A 402 5.22 16.61 -7.57
C ILE A 402 4.91 17.30 -6.26
N TYR A 403 5.04 18.62 -6.22
CA TYR A 403 5.01 19.39 -4.98
C TYR A 403 3.65 19.97 -4.65
N ASP A 404 2.80 20.20 -5.65
CA ASP A 404 1.49 20.82 -5.42
C ASP A 404 0.33 19.87 -5.64
N GLY A 405 0.48 18.86 -6.48
CA GLY A 405 -0.68 18.09 -6.89
C GLY A 405 -1.53 18.92 -7.82
N PHE A 406 -2.82 19.03 -7.50
CA PHE A 406 -3.75 19.73 -8.37
C PHE A 406 -3.71 21.25 -8.18
N ASN A 407 -3.21 21.74 -7.04
CA ASN A 407 -3.23 23.18 -6.74
C ASN A 407 -1.92 23.81 -7.21
N LEU A 408 -1.87 24.08 -8.52
CA LEU A 408 -0.66 24.63 -9.11
C LEU A 408 -0.38 26.03 -8.58
N ARG A 409 0.84 26.24 -8.09
CA ARG A 409 1.22 27.51 -7.48
C ARG A 409 1.27 28.63 -8.52
N ASN A 410 1.15 29.86 -8.02
CA ASN A 410 1.17 31.06 -8.86
C ASN A 410 0.17 30.94 -9.99
N THR A 411 -1.05 30.53 -9.63
CA THR A 411 -2.14 30.22 -10.53
C THR A 411 -3.41 30.13 -9.69
N ASN A 412 -4.55 30.45 -10.31
CA ASN A 412 -5.83 30.49 -9.59
C ASN A 412 -6.18 29.18 -8.88
N LEU A 413 -5.44 28.11 -9.12
CA LEU A 413 -5.73 26.83 -8.50
C LEU A 413 -5.02 26.62 -7.17
N ALA A 414 -3.99 27.41 -6.86
CA ALA A 414 -3.22 27.20 -5.64
C ALA A 414 -4.02 27.57 -4.39
N ALA A 415 -4.93 28.53 -4.50
CA ALA A 415 -5.68 29.03 -3.36
C ALA A 415 -6.92 28.17 -3.11
N ASN A 416 -7.21 27.94 -1.83
CA ASN A 416 -8.47 27.34 -1.39
C ASN A 416 -8.69 25.93 -1.95
N PHE A 417 -7.60 25.19 -2.16
CA PHE A 417 -7.66 23.83 -2.72
C PHE A 417 -8.43 23.81 -4.03
N ASN A 418 -8.31 24.89 -4.82
CA ASN A 418 -9.10 25.01 -6.04
C ASN A 418 -8.75 23.94 -7.06
N GLY A 419 -7.53 23.40 -7.00
CA GLY A 419 -7.17 22.32 -7.90
C GLY A 419 -7.98 21.05 -7.66
N GLN A 420 -8.31 20.78 -6.41
CA GLN A 420 -9.17 19.64 -6.08
C GLN A 420 -10.65 19.95 -6.27
N ASN A 421 -11.00 21.20 -6.52
CA ASN A 421 -12.39 21.60 -6.77
C ASN A 421 -12.79 21.10 -8.15
N THR A 422 -13.59 20.03 -8.19
CA THR A 422 -13.96 19.40 -9.46
C THR A 422 -14.83 20.30 -10.32
N GLU A 423 -15.51 21.29 -9.72
CA GLU A 423 -16.31 22.22 -10.51
C GLU A 423 -15.52 23.44 -10.94
N ILE A 424 -14.57 23.91 -10.13
CA ILE A 424 -13.75 25.05 -10.51
C ILE A 424 -12.62 24.61 -11.42
N ASN A 425 -11.97 23.50 -11.11
CA ASN A 425 -10.96 22.89 -11.98
C ASN A 425 -11.57 21.74 -12.77
N ASN A 426 -12.58 22.08 -13.57
CA ASN A 426 -13.47 21.06 -14.14
C ASN A 426 -12.83 20.26 -15.27
N MET A 427 -11.88 20.83 -15.99
CA MET A 427 -11.29 20.09 -17.11
C MET A 427 -10.31 19.02 -16.67
N ASN A 428 -9.92 19.01 -15.40
CA ASN A 428 -9.06 17.96 -14.87
C ASN A 428 -9.84 16.73 -14.41
N PHE A 429 -11.16 16.79 -14.38
CA PHE A 429 -11.98 15.72 -13.84
C PHE A 429 -13.17 15.45 -14.76
N THR A 430 -13.49 14.17 -14.94
CA THR A 430 -14.66 13.74 -15.69
C THR A 430 -15.38 12.67 -14.88
N LYS A 431 -16.56 13.01 -14.36
CA LYS A 431 -17.28 12.09 -13.50
C LYS A 431 -17.78 10.89 -14.30
N LEU A 432 -17.57 9.69 -13.75
CA LEU A 432 -17.92 8.44 -14.42
C LEU A 432 -19.09 7.71 -13.77
N LYS A 433 -19.21 7.76 -12.45
CA LYS A 433 -20.29 7.06 -11.76
C LYS A 433 -20.59 7.75 -10.44
N ASN A 434 -21.87 7.96 -10.17
CA ASN A 434 -22.32 8.55 -8.91
C ASN A 434 -22.59 7.46 -7.89
N PHE A 435 -22.13 7.69 -6.66
CA PHE A 435 -22.38 6.76 -5.56
C PHE A 435 -23.51 7.22 -4.65
N THR A 436 -23.96 8.46 -4.78
CA THR A 436 -25.05 8.97 -3.94
C THR A 436 -26.38 8.43 -4.43
N GLY A 437 -27.19 7.93 -3.52
CA GLY A 437 -28.48 7.38 -3.86
C GLY A 437 -28.47 5.86 -3.94
N LEU A 438 -27.40 5.29 -4.51
CA LEU A 438 -27.30 3.85 -4.62
C LEU A 438 -27.10 3.17 -3.26
N PHE A 439 -26.66 3.91 -2.25
CA PHE A 439 -26.52 3.37 -0.91
C PHE A 439 -27.88 2.97 -0.34
C11 UZM B . -11.99 6.30 -1.29
C12 UZM B . -11.54 5.00 -1.39
C13 UZM B . -10.08 2.72 -2.46
C14 UZM B . -10.80 1.38 -2.51
C20 UZM B . -6.21 -0.17 0.74
C19 UZM B . -7.67 -0.09 1.20
C02 UZM B . -9.51 1.52 0.87
C03 UZM B . -10.47 2.32 0.00
C04 UZM B . -9.80 3.22 -1.04
C05 UZM B . -10.27 4.66 -0.92
C06 UZM B . -9.47 5.64 -0.35
C08 UZM B . -9.93 6.94 -0.26
C09 UZM B . -11.18 7.28 -0.73
C21 UZM B . -5.50 -1.35 1.42
N15 UZM B . -12.25 1.30 -2.68
N18 UZM B . -8.52 0.64 0.29
O01 UZM B . -9.58 1.62 2.04
O16 UZM B . -13.03 2.46 -2.79
O17 UZM B . -10.19 0.38 -2.43
S22 UZM B . -3.71 -1.28 1.14
CL07 UZM B . -7.84 5.24 0.27
CL10 UZM B . -11.77 8.96 -0.61
#